data_4GEW
#
_entry.id   4GEW
#
_cell.length_a   101.273
_cell.length_b   101.273
_cell.length_c   120.891
_cell.angle_alpha   90.00
_cell.angle_beta   90.00
_cell.angle_gamma   90.00
#
_symmetry.space_group_name_H-M   'P 41 21 2'
#
loop_
_entity.id
_entity.type
_entity.pdbx_description
1 polymer "5'-tyrosyl-DNA phosphodiesterase"
2 non-polymer GLYCEROL
3 water water
#
_entity_poly.entity_id   1
_entity_poly.type   'polypeptide(L)'
_entity_poly.pdbx_seq_one_letter_code
;MSNSDDEIQEIEAKRQKMSQEDSEVEIEILDEPEQGKLKNSSMSDEQKLHEFAIITATDEAFAQSILQDVDWDLKKALDV
FYGSEAFAEARSAAVMGASSSMASSGAAVMTAEDLKGFEVSVMSWNIDGLDGRSLLTRMKAVAHIVKNVNPDILFLQEVV
DRDLAPIDKLQSLYKIYYSNKGCQYYTAILVSKMFDVEKHDVIHFQNSGMYRTLQILEGSIGGLKVFLLNTHLESTREHR
PQRCAQFGFCMDKVREIIAQNPGALVFFGGDLNLRDEEVSRVPDGVKDAWEAAGSDNKTKFTWDTFKNDNKQGFHGAKMR
FDRLYWSGPLDKVKFTLEGRQRIRSCLCFPSDHWAINATFFA
;
_entity_poly.pdbx_strand_id   A
#
# COMPACT_ATOMS: atom_id res chain seq x y z
N GLU A 21 -41.48 7.78 -36.35
CA GLU A 21 -41.94 6.63 -37.13
C GLU A 21 -41.72 5.32 -36.36
N ASP A 22 -40.51 5.13 -35.86
CA ASP A 22 -40.19 4.01 -34.97
C ASP A 22 -39.80 4.59 -33.63
N SER A 23 -40.37 5.76 -33.34
CA SER A 23 -40.21 6.40 -32.05
C SER A 23 -41.26 5.85 -31.10
N GLU A 24 -40.95 5.87 -29.81
CA GLU A 24 -41.90 5.41 -28.81
C GLU A 24 -43.11 6.35 -28.78
N VAL A 25 -44.25 5.84 -28.33
CA VAL A 25 -45.43 6.69 -28.14
C VAL A 25 -45.87 6.60 -26.69
N GLU A 26 -45.97 7.76 -26.04
CA GLU A 26 -46.25 7.86 -24.62
C GLU A 26 -47.73 7.66 -24.30
N ILE A 27 -47.99 7.07 -23.14
CA ILE A 27 -49.35 6.86 -22.64
C ILE A 27 -50.03 8.18 -22.35
N GLU A 28 -51.25 8.34 -22.85
CA GLU A 28 -52.04 9.54 -22.57
C GLU A 28 -52.62 9.50 -21.15
N ILE A 29 -52.51 10.63 -20.45
CA ILE A 29 -53.16 10.78 -19.17
C ILE A 29 -54.20 11.89 -19.28
N LEU A 30 -55.47 11.50 -19.17
CA LEU A 30 -56.59 12.35 -19.57
C LEU A 30 -56.69 13.66 -18.77
N ASP A 31 -56.36 13.62 -17.48
CA ASP A 31 -56.49 14.81 -16.65
C ASP A 31 -55.16 15.52 -16.38
N GLU A 32 -54.20 15.30 -17.27
CA GLU A 32 -52.89 15.94 -17.20
C GLU A 32 -52.85 17.19 -18.09
N PRO A 33 -52.16 18.26 -17.65
CA PRO A 33 -52.03 19.47 -18.48
C PRO A 33 -51.48 19.11 -19.85
N GLU A 34 -52.12 19.58 -20.92
CA GLU A 34 -51.83 19.07 -22.26
C GLU A 34 -50.76 19.81 -23.03
N GLN A 35 -49.74 20.28 -22.34
CA GLN A 35 -48.58 20.87 -22.99
C GLN A 35 -47.32 20.65 -22.18
N GLY A 36 -46.31 20.05 -22.81
CA GLY A 36 -45.01 19.97 -22.19
C GLY A 36 -44.44 21.37 -22.13
N LYS A 37 -43.85 21.72 -20.98
CA LYS A 37 -43.23 23.03 -20.78
C LYS A 37 -42.00 23.21 -21.66
N LEU A 38 -41.26 24.30 -21.43
CA LEU A 38 -40.00 24.53 -22.12
C LEU A 38 -39.14 25.52 -21.34
N SER A 42 -35.34 28.56 -21.37
CA SER A 42 -34.24 28.91 -20.48
C SER A 42 -34.76 29.42 -19.13
N MET A 43 -33.84 29.64 -18.20
CA MET A 43 -34.21 29.95 -16.81
C MET A 43 -33.06 30.56 -16.02
N SER A 44 -33.36 30.97 -14.78
CA SER A 44 -32.35 31.53 -13.89
C SER A 44 -31.79 30.45 -12.97
N ASP A 45 -30.96 30.86 -12.02
CA ASP A 45 -30.27 29.94 -11.13
C ASP A 45 -31.18 29.32 -10.06
N GLU A 46 -32.14 30.09 -9.57
CA GLU A 46 -33.08 29.57 -8.59
C GLU A 46 -34.15 28.69 -9.24
N GLN A 47 -34.41 28.96 -10.51
CA GLN A 47 -35.31 28.10 -11.29
C GLN A 47 -34.66 26.74 -11.49
N LYS A 48 -33.35 26.75 -11.72
CA LYS A 48 -32.58 25.52 -11.87
C LYS A 48 -32.58 24.71 -10.58
N LEU A 49 -32.35 25.40 -9.47
CA LEU A 49 -32.42 24.80 -8.14
C LEU A 49 -33.72 24.05 -7.94
N HIS A 50 -34.84 24.75 -8.16
CA HIS A 50 -36.16 24.17 -8.03
C HIS A 50 -36.40 23.02 -9.01
N GLU A 51 -36.12 23.27 -10.28
CA GLU A 51 -36.30 22.27 -11.33
C GLU A 51 -35.54 20.97 -11.02
N PHE A 52 -34.26 21.10 -10.72
CA PHE A 52 -33.43 19.95 -10.33
C PHE A 52 -34.03 19.22 -9.14
N ALA A 53 -34.60 19.98 -8.21
CA ALA A 53 -35.20 19.41 -7.00
C ALA A 53 -36.45 18.61 -7.33
N ILE A 54 -37.33 19.19 -8.14
CA ILE A 54 -38.56 18.52 -8.55
C ILE A 54 -38.28 17.26 -9.35
N ILE A 55 -37.37 17.36 -10.32
CA ILE A 55 -37.05 16.26 -11.21
C ILE A 55 -36.44 15.06 -10.48
N THR A 56 -35.49 15.33 -9.60
CA THR A 56 -34.77 14.26 -8.91
C THR A 56 -35.42 13.87 -7.59
N ALA A 57 -36.47 14.60 -7.21
CA ALA A 57 -37.14 14.41 -5.92
C ALA A 57 -36.16 14.52 -4.75
N THR A 58 -35.21 15.44 -4.87
CA THR A 58 -34.27 15.73 -3.80
C THR A 58 -34.43 17.21 -3.44
N ASP A 59 -33.85 17.64 -2.33
CA ASP A 59 -34.06 19.02 -1.87
C ASP A 59 -33.19 20.03 -2.63
N GLU A 60 -33.40 21.32 -2.34
CA GLU A 60 -32.68 22.38 -3.03
C GLU A 60 -31.26 22.57 -2.51
N ALA A 61 -31.03 22.17 -1.26
CA ALA A 61 -29.70 22.24 -0.66
C ALA A 61 -28.75 21.27 -1.33
N PHE A 62 -29.25 20.07 -1.62
CA PHE A 62 -28.47 19.06 -2.34
C PHE A 62 -28.28 19.47 -3.78
N ALA A 63 -29.33 20.07 -4.35
CA ALA A 63 -29.26 20.60 -5.71
C ALA A 63 -28.10 21.59 -5.77
N GLN A 64 -28.06 22.48 -4.78
CA GLN A 64 -27.02 23.52 -4.67
C GLN A 64 -25.59 22.97 -4.70
N SER A 65 -25.39 21.75 -4.23
CA SER A 65 -24.05 21.17 -4.22
C SER A 65 -23.55 20.84 -5.63
N ILE A 66 -24.38 20.16 -6.41
CA ILE A 66 -23.98 19.70 -7.74
C ILE A 66 -23.77 20.83 -8.74
N LEU A 67 -24.74 21.73 -8.81
CA LEU A 67 -24.79 22.77 -9.83
C LEU A 67 -23.65 23.78 -9.76
N GLN A 68 -22.91 23.79 -8.66
CA GLN A 68 -21.83 24.75 -8.48
C GLN A 68 -20.46 24.09 -8.66
N ASP A 69 -20.47 22.95 -9.35
CA ASP A 69 -19.26 22.24 -9.74
C ASP A 69 -19.25 22.14 -11.27
N VAL A 70 -20.32 22.67 -11.85
CA VAL A 70 -20.43 22.91 -13.29
C VAL A 70 -21.03 24.31 -13.42
N ASP A 71 -20.81 24.99 -14.54
CA ASP A 71 -21.37 26.32 -14.83
C ASP A 71 -22.75 26.65 -14.20
N TRP A 72 -23.49 25.60 -13.87
CA TRP A 72 -24.92 25.57 -13.48
C TRP A 72 -25.70 25.08 -14.70
N ASP A 73 -25.15 24.06 -15.34
CA ASP A 73 -25.79 23.41 -16.47
C ASP A 73 -26.70 22.30 -15.94
N LEU A 74 -27.99 22.57 -15.93
CA LEU A 74 -28.98 21.65 -15.39
C LEU A 74 -28.91 20.27 -16.04
N LYS A 75 -28.77 20.26 -17.37
CA LYS A 75 -28.74 19.02 -18.14
C LYS A 75 -27.65 18.05 -17.69
N LYS A 76 -26.43 18.55 -17.53
CA LYS A 76 -25.34 17.69 -17.12
C LYS A 76 -25.30 17.51 -15.60
N ALA A 77 -26.03 18.35 -14.87
CA ALA A 77 -26.21 18.16 -13.44
C ALA A 77 -27.05 16.91 -13.20
N LEU A 78 -28.07 16.72 -14.04
CA LEU A 78 -28.89 15.51 -13.99
C LEU A 78 -28.08 14.27 -14.33
N ASP A 79 -27.32 14.35 -15.43
CA ASP A 79 -26.50 13.23 -15.88
C ASP A 79 -25.51 12.81 -14.81
N VAL A 80 -24.97 13.81 -14.11
CA VAL A 80 -24.03 13.57 -13.01
C VAL A 80 -24.72 12.88 -11.84
N PHE A 81 -25.88 13.38 -11.44
CA PHE A 81 -26.59 12.77 -10.32
C PHE A 81 -26.91 11.29 -10.58
N TYR A 82 -27.39 10.98 -11.78
CA TYR A 82 -27.80 9.62 -12.09
C TYR A 82 -26.66 8.73 -12.59
N GLY A 83 -25.73 9.31 -13.33
CA GLY A 83 -24.72 8.51 -14.01
C GLY A 83 -23.31 8.55 -13.44
N SER A 84 -22.94 9.66 -12.83
CA SER A 84 -21.56 9.81 -12.33
C SER A 84 -21.27 8.90 -11.15
N GLU A 85 -20.07 8.34 -11.14
CA GLU A 85 -19.65 7.39 -10.13
C GLU A 85 -19.41 8.06 -8.78
N ALA A 86 -19.16 9.36 -8.81
CA ALA A 86 -18.93 10.11 -7.58
C ALA A 86 -20.17 10.16 -6.69
N PHE A 87 -21.35 10.05 -7.30
CA PHE A 87 -22.60 10.23 -6.58
C PHE A 87 -23.34 8.93 -6.28
N ALA A 88 -22.60 7.85 -6.13
CA ALA A 88 -23.19 6.56 -5.80
C ALA A 88 -23.79 6.59 -4.40
N GLU A 89 -23.13 7.26 -3.47
CA GLU A 89 -23.65 7.39 -2.11
C GLU A 89 -24.97 8.15 -2.11
N ALA A 90 -25.05 9.20 -2.92
CA ALA A 90 -26.25 10.01 -3.02
C ALA A 90 -27.41 9.20 -3.59
N ARG A 91 -27.11 8.37 -4.58
CA ARG A 91 -28.14 7.52 -5.17
C ARG A 91 -28.59 6.44 -4.19
N SER A 92 -27.65 5.94 -3.40
CA SER A 92 -27.97 4.93 -2.41
C SER A 92 -28.86 5.51 -1.33
N ALA A 93 -28.59 6.76 -0.95
CA ALA A 93 -29.42 7.47 0.02
C ALA A 93 -30.81 7.76 -0.55
N ALA A 94 -30.87 8.05 -1.85
CA ALA A 94 -32.15 8.40 -2.47
C ALA A 94 -33.04 7.17 -2.65
N VAL A 95 -32.41 6.02 -2.87
CA VAL A 95 -33.16 4.78 -3.09
C VAL A 95 -33.38 4.03 -1.79
N MET A 96 -32.34 3.94 -0.97
CA MET A 96 -32.38 3.13 0.25
C MET A 96 -32.45 3.93 1.56
N GLY A 97 -32.03 5.18 1.52
CA GLY A 97 -31.99 6.00 2.73
C GLY A 97 -30.74 5.71 3.55
N GLU A 113 -14.68 0.50 12.66
CA GLU A 113 -15.88 0.02 13.31
C GLU A 113 -15.58 -1.06 14.35
N ASP A 114 -15.37 -2.29 13.89
CA ASP A 114 -15.03 -3.41 14.74
C ASP A 114 -13.55 -3.37 15.01
N LEU A 115 -12.90 -2.33 14.47
CA LEU A 115 -11.44 -2.31 14.37
C LEU A 115 -10.79 -1.39 15.39
N LYS A 116 -11.61 -0.62 16.10
CA LYS A 116 -11.12 0.11 17.25
C LYS A 116 -10.53 -0.90 18.22
N GLY A 117 -9.33 -0.62 18.73
CA GLY A 117 -8.68 -1.55 19.63
C GLY A 117 -7.84 -2.60 18.91
N PHE A 118 -7.93 -2.63 17.58
CA PHE A 118 -7.10 -3.55 16.79
C PHE A 118 -5.86 -2.84 16.25
N GLU A 119 -4.71 -3.47 16.43
CA GLU A 119 -3.44 -2.96 15.90
C GLU A 119 -2.74 -4.07 15.14
N VAL A 120 -1.94 -3.69 14.15
CA VAL A 120 -1.08 -4.65 13.48
C VAL A 120 0.25 -3.98 13.10
N SER A 121 1.34 -4.66 13.40
CA SER A 121 2.67 -4.11 13.10
C SER A 121 3.33 -4.83 11.95
N VAL A 122 3.87 -4.04 11.02
CA VAL A 122 4.60 -4.58 9.87
C VAL A 122 6.05 -4.09 9.89
N MET A 123 6.97 -5.03 9.74
CA MET A 123 8.40 -4.71 9.72
C MET A 123 9.01 -5.14 8.39
N SER A 124 9.94 -4.34 7.87
CA SER A 124 10.62 -4.67 6.61
C SER A 124 12.12 -4.42 6.75
N TRP A 125 12.92 -5.37 6.30
CA TRP A 125 14.35 -5.30 6.50
C TRP A 125 15.13 -5.98 5.37
N ASN A 126 15.90 -5.20 4.64
CA ASN A 126 16.90 -5.76 3.75
C ASN A 126 18.07 -6.14 4.64
N ILE A 127 18.28 -7.43 4.86
CA ILE A 127 19.28 -7.88 5.82
C ILE A 127 20.68 -8.10 5.24
N ASP A 128 20.85 -7.79 3.95
CA ASP A 128 22.16 -7.81 3.31
C ASP A 128 22.90 -9.14 3.46
N GLY A 129 22.23 -10.23 3.10
CA GLY A 129 22.84 -11.54 3.14
C GLY A 129 24.02 -11.68 2.20
N LEU A 130 24.07 -10.83 1.18
CA LEU A 130 25.17 -10.88 0.22
C LEU A 130 26.50 -10.39 0.80
N ASP A 131 26.45 -9.82 2.00
CA ASP A 131 27.67 -9.44 2.70
C ASP A 131 28.11 -10.60 3.57
N GLY A 132 29.20 -11.25 3.17
CA GLY A 132 29.70 -12.42 3.87
C GLY A 132 30.32 -12.14 5.23
N ARG A 133 30.78 -10.90 5.44
CA ARG A 133 31.43 -10.51 6.69
C ARG A 133 30.49 -10.66 7.89
N SER A 134 30.87 -11.55 8.82
CA SER A 134 30.13 -11.75 10.07
C SER A 134 28.68 -12.15 9.83
N LEU A 135 28.44 -12.89 8.75
CA LEU A 135 27.08 -13.24 8.34
C LEU A 135 26.29 -13.94 9.43
N LEU A 136 26.89 -14.97 10.03
CA LEU A 136 26.22 -15.74 11.07
C LEU A 136 25.88 -14.88 12.30
N THR A 137 26.86 -14.13 12.80
CA THR A 137 26.64 -13.24 13.93
C THR A 137 25.55 -12.21 13.63
N ARG A 138 25.61 -11.65 12.42
CA ARG A 138 24.64 -10.64 12.00
C ARG A 138 23.23 -11.24 11.90
N MET A 139 23.12 -12.43 11.33
CA MET A 139 21.82 -13.11 11.26
C MET A 139 21.24 -13.42 12.64
N LYS A 140 22.10 -13.78 13.60
CA LYS A 140 21.66 -13.98 14.98
C LYS A 140 21.11 -12.69 15.58
N ALA A 141 21.79 -11.57 15.31
CA ALA A 141 21.32 -10.27 15.76
C ALA A 141 19.96 -9.93 15.14
N VAL A 142 19.80 -10.26 13.86
CA VAL A 142 18.55 -10.04 13.16
C VAL A 142 17.40 -10.77 13.84
N ALA A 143 17.60 -12.05 14.15
CA ALA A 143 16.57 -12.83 14.81
C ALA A 143 16.26 -12.27 16.20
N HIS A 144 17.30 -11.82 16.89
CA HIS A 144 17.16 -11.24 18.22
C HIS A 144 16.32 -9.96 18.17
N ILE A 145 16.63 -9.11 17.19
CA ILE A 145 15.93 -7.84 17.02
C ILE A 145 14.47 -8.06 16.61
N VAL A 146 14.25 -9.05 15.75
CA VAL A 146 12.89 -9.41 15.35
C VAL A 146 12.06 -9.86 16.55
N LYS A 147 12.68 -10.67 17.42
CA LYS A 147 11.98 -11.13 18.62
C LYS A 147 11.66 -10.00 19.61
N ASN A 148 12.52 -8.99 19.68
CA ASN A 148 12.29 -7.85 20.56
C ASN A 148 11.20 -6.93 20.01
N VAL A 149 11.25 -6.66 18.70
CA VAL A 149 10.25 -5.81 18.09
C VAL A 149 8.91 -6.55 18.04
N ASN A 150 8.98 -7.85 17.79
CA ASN A 150 7.80 -8.71 17.78
C ASN A 150 6.71 -8.25 16.80
N PRO A 151 7.06 -8.10 15.52
CA PRO A 151 6.01 -7.67 14.59
C PRO A 151 5.06 -8.81 14.25
N ASP A 152 3.84 -8.48 13.84
CA ASP A 152 2.89 -9.48 13.36
C ASP A 152 3.29 -9.97 11.97
N ILE A 153 3.88 -9.07 11.20
CA ILE A 153 4.25 -9.35 9.82
C ILE A 153 5.64 -8.79 9.52
N LEU A 154 6.48 -9.62 8.91
CA LEU A 154 7.85 -9.23 8.61
C LEU A 154 8.22 -9.51 7.16
N PHE A 155 8.72 -8.49 6.48
CA PHE A 155 9.24 -8.60 5.12
C PHE A 155 10.75 -8.62 5.18
N LEU A 156 11.38 -9.62 4.58
CA LEU A 156 12.84 -9.65 4.48
C LEU A 156 13.29 -9.59 3.02
N GLN A 157 14.38 -8.89 2.76
CA GLN A 157 15.01 -8.94 1.43
C GLN A 157 16.48 -9.34 1.54
N GLU A 158 17.04 -9.82 0.44
CA GLU A 158 18.42 -10.32 0.40
C GLU A 158 18.71 -11.42 1.41
N VAL A 159 17.84 -12.42 1.46
CA VAL A 159 18.07 -13.60 2.26
C VAL A 159 18.87 -14.59 1.44
N VAL A 160 19.87 -15.21 2.05
CA VAL A 160 20.64 -16.25 1.38
C VAL A 160 20.59 -17.55 2.19
N ASP A 161 20.90 -18.66 1.52
CA ASP A 161 20.89 -19.96 2.17
C ASP A 161 21.96 -20.05 3.27
N ARG A 162 23.14 -19.50 2.98
CA ARG A 162 24.27 -19.57 3.91
C ARG A 162 23.95 -18.94 5.27
N ASP A 163 24.23 -19.68 6.33
CA ASP A 163 23.99 -19.22 7.70
C ASP A 163 22.56 -18.71 7.92
N LEU A 164 21.60 -19.44 7.37
CA LEU A 164 20.18 -19.07 7.49
C LEU A 164 19.57 -19.60 8.79
N ALA A 165 20.29 -20.50 9.46
CA ALA A 165 19.77 -21.18 10.66
C ALA A 165 19.03 -20.28 11.67
N PRO A 166 19.65 -19.16 12.12
CA PRO A 166 18.90 -18.35 13.10
C PRO A 166 17.60 -17.75 12.55
N ILE A 167 17.52 -17.53 11.25
CA ILE A 167 16.28 -17.03 10.65
C ILE A 167 15.23 -18.15 10.59
N ASP A 168 15.67 -19.36 10.25
CA ASP A 168 14.80 -20.53 10.26
C ASP A 168 14.25 -20.84 11.66
N LYS A 169 15.02 -20.49 12.69
CA LYS A 169 14.60 -20.70 14.08
C LYS A 169 13.33 -19.92 14.42
N LEU A 170 13.07 -18.85 13.67
CA LEU A 170 11.88 -18.02 13.89
C LEU A 170 10.58 -18.76 13.59
N GLN A 171 10.70 -19.95 13.01
CA GLN A 171 9.53 -20.73 12.62
C GLN A 171 8.69 -21.17 13.82
N SER A 172 9.29 -21.08 15.01
CA SER A 172 8.55 -21.36 16.25
C SER A 172 7.55 -20.24 16.52
N LEU A 173 7.81 -19.06 15.98
CA LEU A 173 6.96 -17.90 16.17
C LEU A 173 6.24 -17.50 14.89
N TYR A 174 6.86 -17.79 13.75
CA TYR A 174 6.33 -17.34 12.47
C TYR A 174 6.11 -18.47 11.47
N LYS A 175 5.19 -18.24 10.53
CA LYS A 175 5.11 -19.04 9.31
C LYS A 175 6.00 -18.34 8.30
N ILE A 176 6.91 -19.09 7.67
CA ILE A 176 7.93 -18.51 6.82
C ILE A 176 7.75 -18.88 5.35
N TYR A 177 7.73 -17.87 4.49
CA TYR A 177 7.55 -18.09 3.07
C TYR A 177 8.67 -17.43 2.29
N TYR A 178 9.46 -18.26 1.60
CA TYR A 178 10.58 -17.79 0.80
C TYR A 178 10.14 -17.63 -0.65
N SER A 179 10.53 -16.51 -1.25
CA SER A 179 10.12 -16.21 -2.61
C SER A 179 10.72 -17.17 -3.62
N ASN A 180 12.03 -17.33 -3.58
CA ASN A 180 12.75 -18.00 -4.65
C ASN A 180 13.96 -18.77 -4.15
N LYS A 181 13.72 -19.80 -3.35
CA LYS A 181 14.79 -20.61 -2.79
C LYS A 181 15.50 -21.42 -3.87
N GLY A 182 16.83 -21.42 -3.82
CA GLY A 182 17.64 -22.05 -4.85
C GLY A 182 18.35 -20.97 -5.65
N CYS A 183 18.03 -19.72 -5.31
CA CYS A 183 18.61 -18.57 -5.97
C CYS A 183 19.75 -18.02 -5.11
N GLN A 184 20.66 -17.27 -5.72
CA GLN A 184 21.74 -16.63 -4.99
C GLN A 184 21.19 -15.81 -3.83
N TYR A 185 20.14 -15.04 -4.07
CA TYR A 185 19.42 -14.35 -2.99
C TYR A 185 17.95 -14.14 -3.32
N TYR A 186 17.14 -13.97 -2.29
CA TYR A 186 15.69 -13.94 -2.45
C TYR A 186 15.03 -13.19 -1.29
N THR A 187 13.71 -13.14 -1.30
CA THR A 187 12.97 -12.41 -0.26
C THR A 187 12.14 -13.38 0.58
N ALA A 188 11.72 -12.91 1.75
CA ALA A 188 10.85 -13.71 2.61
C ALA A 188 9.71 -12.90 3.20
N ILE A 189 8.61 -13.60 3.46
CA ILE A 189 7.54 -13.04 4.25
C ILE A 189 7.29 -13.95 5.45
N LEU A 190 7.38 -13.39 6.64
CA LEU A 190 7.08 -14.13 7.86
C LEU A 190 5.83 -13.57 8.51
N VAL A 191 4.90 -14.45 8.87
CA VAL A 191 3.67 -14.00 9.51
C VAL A 191 3.39 -14.76 10.81
N SER A 192 2.81 -14.05 11.76
CA SER A 192 2.36 -14.61 13.03
C SER A 192 1.52 -15.88 12.80
N LYS A 193 1.58 -16.81 13.75
CA LYS A 193 0.84 -18.08 13.64
C LYS A 193 -0.67 -17.90 13.51
N MET A 194 -1.20 -16.76 13.97
CA MET A 194 -2.63 -16.49 13.89
C MET A 194 -3.06 -16.16 12.46
N PHE A 195 -2.09 -15.87 11.62
CA PHE A 195 -2.35 -15.45 10.25
C PHE A 195 -2.62 -16.66 9.36
N ASP A 196 -3.87 -16.82 8.94
CA ASP A 196 -4.23 -17.89 8.01
C ASP A 196 -3.79 -17.56 6.59
N VAL A 197 -3.07 -18.47 5.95
CA VAL A 197 -2.58 -18.23 4.60
C VAL A 197 -3.38 -19.03 3.56
N GLU A 198 -3.84 -18.34 2.53
CA GLU A 198 -4.62 -18.99 1.47
C GLU A 198 -3.79 -19.19 0.20
N LYS A 199 -2.97 -18.21 -0.14
CA LYS A 199 -2.20 -18.25 -1.38
C LYS A 199 -0.82 -17.61 -1.22
N HIS A 200 0.18 -18.24 -1.85
CA HIS A 200 1.52 -17.68 -1.96
C HIS A 200 1.94 -17.67 -3.42
N ASP A 201 2.08 -16.49 -3.99
CA ASP A 201 2.48 -16.37 -5.39
C ASP A 201 3.76 -15.55 -5.53
N VAL A 202 4.60 -15.94 -6.47
CA VAL A 202 5.81 -15.20 -6.78
C VAL A 202 5.85 -14.86 -8.25
N ILE A 203 5.91 -13.57 -8.56
CA ILE A 203 6.00 -13.10 -9.93
C ILE A 203 7.43 -12.67 -10.21
N HIS A 204 8.06 -13.29 -11.21
CA HIS A 204 9.44 -12.93 -11.56
C HIS A 204 9.45 -11.81 -12.59
N PHE A 205 10.04 -10.67 -12.22
CA PHE A 205 10.18 -9.55 -13.15
C PHE A 205 11.07 -9.95 -14.32
N GLN A 206 10.52 -9.90 -15.54
CA GLN A 206 11.27 -10.32 -16.72
C GLN A 206 12.27 -9.27 -17.18
N ASN A 207 12.11 -8.03 -16.72
CA ASN A 207 13.05 -6.98 -17.09
C ASN A 207 14.18 -6.86 -16.05
N SER A 208 14.23 -7.82 -15.12
CA SER A 208 15.24 -7.79 -14.07
C SER A 208 16.45 -8.65 -14.41
N GLY A 209 17.65 -8.08 -14.21
CA GLY A 209 18.88 -8.83 -14.34
C GLY A 209 19.41 -9.20 -12.97
N MET A 210 18.56 -9.08 -11.96
CA MET A 210 18.97 -9.30 -10.57
C MET A 210 18.03 -10.24 -9.82
N TYR A 211 17.31 -11.07 -10.55
CA TYR A 211 16.39 -12.07 -9.98
C TYR A 211 15.28 -11.48 -9.13
N ARG A 212 14.92 -10.23 -9.37
CA ARG A 212 13.92 -9.58 -8.53
C ARG A 212 12.50 -10.07 -8.82
N THR A 213 11.68 -10.12 -7.79
CA THR A 213 10.34 -10.69 -7.88
C THR A 213 9.33 -9.87 -7.09
N LEU A 214 8.06 -10.15 -7.32
CA LEU A 214 7.01 -9.66 -6.45
C LEU A 214 6.44 -10.87 -5.72
N GLN A 215 6.58 -10.86 -4.40
CA GLN A 215 6.12 -11.99 -3.58
C GLN A 215 4.79 -11.60 -2.95
N ILE A 216 3.76 -12.38 -3.24
CA ILE A 216 2.41 -12.06 -2.78
C ILE A 216 1.85 -13.13 -1.85
N LEU A 217 1.47 -12.72 -0.65
CA LEU A 217 0.86 -13.63 0.30
C LEU A 217 -0.57 -13.17 0.58
N GLU A 218 -1.53 -14.03 0.29
CA GLU A 218 -2.93 -13.71 0.55
C GLU A 218 -3.42 -14.51 1.76
N GLY A 219 -4.00 -13.82 2.73
CA GLY A 219 -4.51 -14.48 3.91
C GLY A 219 -5.55 -13.70 4.68
N SER A 220 -5.61 -13.95 5.98
CA SER A 220 -6.52 -13.21 6.84
C SER A 220 -6.11 -13.29 8.31
N ILE A 221 -6.39 -12.22 9.04
CA ILE A 221 -6.28 -12.19 10.48
C ILE A 221 -7.71 -12.14 11.02
N GLY A 222 -8.16 -13.23 11.63
CA GLY A 222 -9.54 -13.34 12.03
C GLY A 222 -10.43 -13.19 10.82
N GLY A 223 -11.51 -12.42 10.95
CA GLY A 223 -12.42 -12.18 9.84
C GLY A 223 -11.93 -11.13 8.85
N LEU A 224 -10.74 -10.60 9.06
CA LEU A 224 -10.21 -9.55 8.20
C LEU A 224 -9.21 -10.06 7.15
N LYS A 225 -9.56 -9.90 5.87
CA LYS A 225 -8.71 -10.33 4.78
C LYS A 225 -7.48 -9.42 4.67
N VAL A 226 -6.31 -10.04 4.44
CA VAL A 226 -5.04 -9.32 4.36
C VAL A 226 -4.20 -9.77 3.16
N PHE A 227 -3.66 -8.81 2.41
CA PHE A 227 -2.75 -9.11 1.30
C PHE A 227 -1.38 -8.51 1.58
N LEU A 228 -0.33 -9.29 1.35
CA LEU A 228 1.03 -8.84 1.58
C LEU A 228 1.83 -8.91 0.29
N LEU A 229 2.47 -7.79 -0.07
CA LEU A 229 3.27 -7.73 -1.27
C LEU A 229 4.68 -7.24 -0.95
N ASN A 230 5.64 -8.16 -1.07
CA ASN A 230 7.04 -7.89 -0.69
C ASN A 230 7.93 -7.91 -1.93
N THR A 231 8.80 -6.90 -2.07
CA THR A 231 9.66 -6.86 -3.23
C THR A 231 10.99 -6.14 -3.01
N HIS A 232 11.96 -6.50 -3.84
CA HIS A 232 13.27 -5.85 -3.84
C HIS A 232 13.48 -5.31 -5.24
N LEU A 233 13.14 -4.04 -5.47
CA LEU A 233 13.17 -3.49 -6.82
C LEU A 233 14.61 -3.35 -7.29
N GLU A 234 14.78 -3.31 -8.62
CA GLU A 234 16.09 -3.23 -9.25
C GLU A 234 16.97 -2.18 -8.58
N SER A 235 18.22 -2.56 -8.29
CA SER A 235 19.15 -1.71 -7.54
C SER A 235 19.93 -0.75 -8.43
N THR A 236 20.49 0.29 -7.79
CA THR A 236 21.35 1.31 -8.41
C THR A 236 20.59 2.37 -9.20
N ARG A 237 21.12 3.60 -9.19
CA ARG A 237 20.51 4.72 -9.88
C ARG A 237 20.29 4.43 -11.36
N GLU A 238 21.29 3.84 -12.00
CA GLU A 238 21.27 3.56 -13.43
C GLU A 238 20.10 2.68 -13.85
N HIS A 239 19.62 1.83 -12.94
CA HIS A 239 18.51 0.94 -13.28
C HIS A 239 17.15 1.55 -13.01
N ARG A 240 17.11 2.87 -12.98
CA ARG A 240 15.85 3.61 -12.89
C ARG A 240 14.76 3.12 -13.86
N PRO A 241 15.09 2.92 -15.16
CA PRO A 241 14.03 2.45 -16.06
C PRO A 241 13.39 1.14 -15.60
N GLN A 242 14.20 0.18 -15.18
CA GLN A 242 13.67 -1.10 -14.72
C GLN A 242 12.90 -0.93 -13.42
N ARG A 243 13.50 -0.19 -12.49
CA ARG A 243 12.91 0.02 -11.18
C ARG A 243 11.56 0.73 -11.28
N CYS A 244 11.51 1.78 -12.10
CA CYS A 244 10.28 2.56 -12.24
C CYS A 244 9.16 1.78 -12.91
N ALA A 245 9.51 0.97 -13.90
CA ALA A 245 8.53 0.10 -14.54
C ALA A 245 8.00 -0.93 -13.53
N GLN A 246 8.91 -1.57 -12.80
CA GLN A 246 8.52 -2.51 -11.75
C GLN A 246 7.58 -1.89 -10.71
N PHE A 247 7.91 -0.69 -10.25
CA PHE A 247 7.10 0.00 -9.26
C PHE A 247 5.67 0.24 -9.73
N GLY A 248 5.52 0.69 -10.97
CA GLY A 248 4.21 0.98 -11.52
C GLY A 248 3.42 -0.29 -11.74
N PHE A 249 4.12 -1.37 -12.08
CA PHE A 249 3.54 -2.68 -12.24
C PHE A 249 3.01 -3.18 -10.89
N CYS A 250 3.83 -3.03 -9.86
CA CYS A 250 3.42 -3.40 -8.52
C CYS A 250 2.20 -2.60 -8.06
N MET A 251 2.16 -1.32 -8.38
CA MET A 251 1.01 -0.50 -8.01
C MET A 251 -0.23 -0.90 -8.81
N ASP A 252 -0.03 -1.43 -10.01
CA ASP A 252 -1.15 -1.97 -10.78
C ASP A 252 -1.75 -3.16 -10.04
N LYS A 253 -0.89 -4.02 -9.50
CA LYS A 253 -1.33 -5.20 -8.77
C LYS A 253 -2.06 -4.82 -7.49
N VAL A 254 -1.53 -3.84 -6.78
CA VAL A 254 -2.19 -3.32 -5.59
C VAL A 254 -3.58 -2.80 -5.94
N ARG A 255 -3.66 -2.05 -7.03
CA ARG A 255 -4.92 -1.49 -7.50
C ARG A 255 -5.94 -2.58 -7.83
N GLU A 256 -5.47 -3.70 -8.38
CA GLU A 256 -6.36 -4.82 -8.72
C GLU A 256 -6.90 -5.50 -7.47
N ILE A 257 -6.00 -5.76 -6.52
CA ILE A 257 -6.37 -6.37 -5.25
C ILE A 257 -7.41 -5.53 -4.51
N ILE A 258 -7.19 -4.22 -4.47
CA ILE A 258 -8.13 -3.32 -3.79
C ILE A 258 -9.51 -3.34 -4.45
N ALA A 259 -9.52 -3.33 -5.78
CA ALA A 259 -10.79 -3.31 -6.51
C ALA A 259 -11.58 -4.60 -6.30
N GLN A 260 -10.87 -5.71 -6.16
CA GLN A 260 -11.51 -7.01 -6.02
C GLN A 260 -11.80 -7.39 -4.57
N ASN A 261 -11.19 -6.67 -3.63
CA ASN A 261 -11.36 -6.98 -2.22
C ASN A 261 -11.65 -5.75 -1.35
N PRO A 262 -12.85 -5.18 -1.49
CA PRO A 262 -13.22 -4.06 -0.62
C PRO A 262 -13.15 -4.47 0.85
N GLY A 263 -12.58 -3.62 1.69
CA GLY A 263 -12.52 -3.90 3.11
C GLY A 263 -11.26 -4.64 3.51
N ALA A 264 -10.45 -5.04 2.53
CA ALA A 264 -9.23 -5.79 2.83
C ALA A 264 -8.08 -4.87 3.22
N LEU A 265 -7.16 -5.40 4.03
CA LEU A 265 -5.91 -4.72 4.33
C LEU A 265 -4.87 -5.11 3.30
N VAL A 266 -4.25 -4.13 2.67
CA VAL A 266 -3.19 -4.40 1.71
C VAL A 266 -1.90 -3.74 2.16
N PHE A 267 -0.82 -4.51 2.24
CA PHE A 267 0.50 -3.95 2.56
C PHE A 267 1.49 -4.24 1.45
N PHE A 268 2.03 -3.19 0.85
CA PHE A 268 3.04 -3.33 -0.19
C PHE A 268 4.30 -2.56 0.16
N GLY A 269 5.45 -3.21 0.02
CA GLY A 269 6.72 -2.53 0.23
C GLY A 269 7.93 -3.43 0.17
N GLY A 270 8.99 -3.01 0.84
CA GLY A 270 10.25 -3.72 0.87
C GLY A 270 11.39 -2.77 0.56
N ASP A 271 12.47 -3.29 0.00
CA ASP A 271 13.55 -2.44 -0.48
C ASP A 271 13.20 -2.00 -1.90
N LEU A 272 12.64 -0.81 -2.02
CA LEU A 272 12.17 -0.33 -3.31
C LEU A 272 13.25 0.43 -4.07
N ASN A 273 14.37 0.70 -3.40
CA ASN A 273 15.49 1.40 -4.02
C ASN A 273 15.14 2.74 -4.65
N LEU A 274 14.09 3.37 -4.11
CA LEU A 274 13.52 4.57 -4.73
C LEU A 274 14.26 5.85 -4.39
N ARG A 275 14.40 6.69 -5.41
CA ARG A 275 14.75 8.09 -5.23
C ARG A 275 13.43 8.85 -5.25
N ASP A 276 13.32 9.95 -4.49
CA ASP A 276 12.04 10.66 -4.34
C ASP A 276 11.36 11.05 -5.66
N GLU A 277 12.14 11.53 -6.63
CA GLU A 277 11.61 11.93 -7.93
C GLU A 277 11.14 10.74 -8.78
N GLU A 278 11.51 9.52 -8.40
CA GLU A 278 11.12 8.33 -9.16
C GLU A 278 9.70 7.86 -8.85
N VAL A 279 9.16 8.30 -7.72
CA VAL A 279 7.86 7.81 -7.27
C VAL A 279 6.72 8.30 -8.14
N SER A 280 6.13 7.37 -8.90
CA SER A 280 4.98 7.68 -9.72
C SER A 280 3.70 7.70 -8.90
N ARG A 281 2.60 8.03 -9.55
CA ARG A 281 1.28 8.13 -8.92
C ARG A 281 0.89 6.86 -8.20
N VAL A 282 0.55 6.97 -6.91
CA VAL A 282 0.03 5.81 -6.18
C VAL A 282 -1.50 5.81 -6.25
N PRO A 283 -2.10 4.62 -6.35
CA PRO A 283 -3.55 4.51 -6.51
C PRO A 283 -4.35 5.13 -5.35
N ASP A 284 -5.62 5.44 -5.60
CA ASP A 284 -6.50 6.03 -4.59
C ASP A 284 -6.61 5.17 -3.34
N GLY A 285 -6.53 5.80 -2.17
CA GLY A 285 -6.66 5.09 -0.91
C GLY A 285 -5.37 4.41 -0.46
N VAL A 286 -4.29 4.64 -1.19
CA VAL A 286 -3.00 4.08 -0.80
C VAL A 286 -2.11 5.18 -0.23
N LYS A 287 -1.46 4.90 0.89
CA LYS A 287 -0.61 5.89 1.54
C LYS A 287 0.75 5.33 1.92
N ASP A 288 1.73 6.22 1.99
CA ASP A 288 3.08 5.87 2.44
C ASP A 288 3.09 5.93 3.96
N ALA A 289 3.53 4.84 4.60
CA ALA A 289 3.47 4.73 6.05
C ALA A 289 4.29 5.80 6.77
N TRP A 290 5.51 6.05 6.28
CA TRP A 290 6.37 7.07 6.86
C TRP A 290 5.78 8.47 6.71
N GLU A 291 5.11 8.72 5.60
CA GLU A 291 4.49 10.02 5.37
C GLU A 291 3.23 10.21 6.22
N ALA A 292 2.46 9.15 6.38
CA ALA A 292 1.22 9.24 7.14
C ALA A 292 1.49 9.32 8.64
N ALA A 293 2.71 8.92 9.03
CA ALA A 293 3.14 9.01 10.42
C ALA A 293 3.67 10.40 10.78
N GLY A 294 3.75 11.28 9.78
CA GLY A 294 4.13 12.66 10.01
C GLY A 294 5.43 13.10 9.34
N SER A 295 5.96 12.26 8.45
CA SER A 295 7.19 12.56 7.72
C SER A 295 8.35 13.00 8.63
N ASP A 296 8.61 12.20 9.66
CA ASP A 296 9.61 12.56 10.65
C ASP A 296 11.00 12.46 10.04
N ASN A 297 11.76 13.54 10.12
CA ASN A 297 13.13 13.54 9.61
C ASN A 297 14.01 12.55 10.37
N LYS A 298 13.69 12.33 11.64
CA LYS A 298 14.44 11.41 12.47
C LYS A 298 14.25 9.94 12.08
N THR A 299 13.26 9.66 11.24
CA THR A 299 13.01 8.29 10.78
C THR A 299 12.97 8.16 9.26
N LYS A 300 13.46 9.18 8.58
CA LYS A 300 13.40 9.23 7.12
C LYS A 300 14.31 8.23 6.42
N PHE A 301 15.62 8.35 6.61
CA PHE A 301 16.56 7.56 5.83
C PHE A 301 16.79 6.15 6.36
N THR A 302 16.73 5.17 5.46
CA THR A 302 16.79 3.76 5.83
C THR A 302 18.11 3.12 5.38
N TRP A 303 18.82 3.82 4.50
CA TRP A 303 20.14 3.40 4.07
C TRP A 303 21.02 4.65 4.13
N ASP A 304 21.89 4.70 5.14
CA ASP A 304 22.61 5.92 5.50
C ASP A 304 24.07 5.61 5.83
N THR A 305 24.97 5.88 4.88
CA THR A 305 26.38 5.58 5.08
C THR A 305 27.10 6.62 5.95
N PHE A 306 26.42 7.73 6.23
CA PHE A 306 26.92 8.72 7.19
C PHE A 306 26.86 8.12 8.60
N LYS A 307 25.89 7.25 8.83
CA LYS A 307 25.60 6.72 10.16
C LYS A 307 25.83 5.20 10.26
N ASN A 308 25.76 4.52 9.11
CA ASN A 308 26.02 3.10 9.05
C ASN A 308 27.30 2.86 8.25
N ASP A 309 28.33 2.32 8.91
CA ASP A 309 29.61 2.11 8.24
C ASP A 309 29.85 0.68 7.76
N ASN A 310 28.79 -0.12 7.66
CA ASN A 310 28.91 -1.43 7.04
C ASN A 310 29.46 -1.30 5.61
N LYS A 311 29.10 -0.20 4.97
CA LYS A 311 29.67 0.14 3.67
C LYS A 311 30.25 1.55 3.72
N GLN A 312 31.36 1.75 3.03
CA GLN A 312 32.08 3.01 3.10
C GLN A 312 32.40 3.57 1.72
N GLY A 313 32.01 4.82 1.49
CA GLY A 313 32.42 5.56 0.31
C GLY A 313 33.29 6.72 0.74
N PHE A 314 33.92 7.39 -0.23
CA PHE A 314 34.66 8.62 0.04
C PHE A 314 33.71 9.67 0.58
N HIS A 315 32.50 9.70 0.03
CA HIS A 315 31.46 10.63 0.48
C HIS A 315 30.26 9.84 0.99
N GLY A 316 29.65 10.33 2.06
CA GLY A 316 28.46 9.72 2.59
C GLY A 316 27.32 9.78 1.58
N ALA A 317 26.39 8.85 1.71
CA ALA A 317 25.19 8.82 0.89
C ALA A 317 24.05 8.41 1.80
N LYS A 318 22.82 8.81 1.47
CA LYS A 318 21.65 8.42 2.25
C LYS A 318 20.35 8.50 1.45
N MET A 319 19.49 7.50 1.64
CA MET A 319 18.28 7.34 0.83
C MET A 319 17.15 6.71 1.64
N ARG A 320 15.91 7.01 1.26
CA ARG A 320 14.76 6.31 1.80
C ARG A 320 14.40 5.16 0.86
N PHE A 321 15.27 4.15 0.85
CA PHE A 321 15.13 3.01 -0.06
C PHE A 321 13.98 2.10 0.35
N ASP A 322 13.79 1.97 1.66
CA ASP A 322 12.82 1.04 2.20
C ASP A 322 11.53 1.77 2.58
N ARG A 323 10.43 1.37 1.95
CA ARG A 323 9.15 2.05 2.17
C ARG A 323 8.02 1.04 2.31
N LEU A 324 6.94 1.48 2.95
CA LEU A 324 5.78 0.63 3.14
C LEU A 324 4.51 1.39 2.78
N TYR A 325 3.71 0.80 1.89
CA TYR A 325 2.44 1.41 1.51
C TYR A 325 1.29 0.54 2.03
N TRP A 326 0.16 1.16 2.34
CA TRP A 326 -0.99 0.37 2.75
C TRP A 326 -2.32 0.93 2.29
N SER A 327 -3.32 0.06 2.29
CA SER A 327 -4.69 0.44 2.03
C SER A 327 -5.57 -0.40 2.93
N GLY A 328 -6.73 0.12 3.31
CA GLY A 328 -7.66 -0.65 4.11
C GLY A 328 -8.25 0.11 5.26
N PRO A 329 -9.04 -0.61 6.08
CA PRO A 329 -9.85 0.00 7.15
C PRO A 329 -9.06 0.36 8.41
N LEU A 330 -7.80 0.70 8.27
CA LEU A 330 -7.01 1.27 9.37
C LEU A 330 -6.41 2.57 8.86
N ASP A 331 -6.56 3.65 9.61
CA ASP A 331 -6.22 4.97 9.07
C ASP A 331 -5.10 5.68 9.81
N LYS A 332 -4.60 5.09 10.89
CA LYS A 332 -3.55 5.73 11.68
C LYS A 332 -2.32 4.84 11.72
N VAL A 333 -1.14 5.44 11.87
CA VAL A 333 0.10 4.67 11.80
C VAL A 333 1.21 5.30 12.62
N LYS A 334 1.99 4.46 13.30
CA LYS A 334 3.22 4.88 13.96
C LYS A 334 4.39 4.25 13.21
N PHE A 335 5.50 4.97 13.14
CA PHE A 335 6.61 4.54 12.31
C PHE A 335 7.92 4.77 13.04
N THR A 336 8.73 3.72 13.14
CA THR A 336 10.04 3.82 13.79
C THR A 336 11.06 3.08 12.95
N LEU A 337 12.34 3.34 13.21
CA LEU A 337 13.42 2.58 12.61
C LEU A 337 13.96 1.61 13.66
N GLU A 338 14.43 0.45 13.22
CA GLU A 338 14.97 -0.56 14.12
C GLU A 338 16.32 -1.08 13.59
N GLY A 339 17.01 -1.86 14.41
CA GLY A 339 18.29 -2.44 14.01
C GLY A 339 19.40 -1.41 13.91
N ARG A 340 19.34 -0.38 14.75
CA ARG A 340 20.33 0.70 14.71
C ARG A 340 21.47 0.57 15.72
N GLN A 341 21.47 -0.50 16.50
CA GLN A 341 22.54 -0.74 17.46
C GLN A 341 23.67 -1.57 16.85
N ARG A 342 24.90 -1.13 17.09
CA ARG A 342 26.07 -1.87 16.64
C ARG A 342 26.19 -3.16 17.45
N ILE A 343 26.38 -4.28 16.75
CA ILE A 343 26.60 -5.56 17.43
C ILE A 343 27.93 -5.51 18.16
N ARG A 344 27.96 -5.97 19.41
CA ARG A 344 29.14 -5.78 20.23
C ARG A 344 30.28 -6.78 19.99
N SER A 345 29.95 -7.98 19.55
CA SER A 345 30.98 -9.00 19.34
C SER A 345 31.84 -8.73 18.09
N CYS A 346 31.27 -8.07 17.09
CA CYS A 346 32.00 -7.84 15.84
C CYS A 346 31.97 -6.39 15.34
N LEU A 347 31.32 -5.52 16.10
CA LEU A 347 31.41 -4.06 15.90
C LEU A 347 30.79 -3.55 14.60
N CYS A 348 29.88 -4.33 14.02
CA CYS A 348 29.16 -3.87 12.84
C CYS A 348 27.66 -3.88 13.10
N PHE A 349 26.91 -3.28 12.19
CA PHE A 349 25.46 -3.28 12.29
C PHE A 349 24.94 -4.57 11.66
N PRO A 350 23.73 -5.00 12.07
CA PRO A 350 23.13 -6.22 11.49
C PRO A 350 23.10 -6.16 9.96
N SER A 351 22.86 -4.97 9.44
CA SER A 351 22.76 -4.79 7.99
C SER A 351 23.17 -3.36 7.64
N ASP A 352 23.44 -3.13 6.37
CA ASP A 352 23.69 -1.77 5.89
C ASP A 352 22.37 -0.98 5.81
N HIS A 353 21.25 -1.68 5.98
CA HIS A 353 19.94 -1.01 6.05
C HIS A 353 19.44 -0.96 7.48
N TRP A 354 18.73 0.12 7.80
CA TRP A 354 17.90 0.11 8.99
C TRP A 354 16.62 -0.65 8.64
N ALA A 355 16.01 -1.27 9.64
CA ALA A 355 14.71 -1.89 9.45
C ALA A 355 13.64 -0.82 9.67
N ILE A 356 12.55 -0.92 8.93
CA ILE A 356 11.41 -0.04 9.17
C ILE A 356 10.33 -0.84 9.87
N ASN A 357 9.64 -0.18 10.80
CA ASN A 357 8.63 -0.83 11.61
C ASN A 357 7.43 0.10 11.71
N ALA A 358 6.32 -0.33 11.12
CA ALA A 358 5.09 0.48 11.11
C ALA A 358 3.99 -0.24 11.85
N THR A 359 3.28 0.51 12.69
CA THR A 359 2.16 -0.05 13.43
C THR A 359 0.88 0.65 13.00
N PHE A 360 -0.09 -0.11 12.50
CA PHE A 360 -1.32 0.43 11.96
C PHE A 360 -2.47 0.16 12.90
N PHE A 361 -3.31 1.17 13.13
CA PHE A 361 -4.42 1.06 14.04
C PHE A 361 -5.56 2.02 13.65
N ALA A 362 -6.68 1.93 14.36
CA ALA A 362 -7.83 2.76 14.05
C ALA A 362 -8.18 3.69 15.22
#